data_6DSW
#
_entry.id   6DSW
#
_cell.length_a   86.139
_cell.length_b   93.410
_cell.length_c   105.619
_cell.angle_alpha   90.00
_cell.angle_beta   90.00
_cell.angle_gamma   90.00
#
_symmetry.space_group_name_H-M   'P 21 21 21'
#
loop_
_entity.id
_entity.type
_entity.pdbx_description
1 polymer "DNA (5'-D(*GP*CP*GP*AP*TP*CP*AP*CP*G)-3')"
2 polymer "DNA (5'-D(P*AP*CP*GP*TP*AP*CP*GP*TP*GP*AP*TP*CP*GP*CP*A)-3')"
3 polymer 'DNA polymerase I'
4 non-polymer (4S)-2-METHYL-2,4-PENTANEDIOL
5 non-polymer 'SULFATE ION'
6 non-polymer 'MAGNESIUM ION'
7 water water
#
loop_
_entity_poly.entity_id
_entity_poly.type
_entity_poly.pdbx_seq_one_letter_code
_entity_poly.pdbx_strand_id
1 'polydeoxyribonucleotide' (DG)(DC)(DG)(DA)(DT)(DC)(DA)(DC)(DG) P
2 'polydeoxyribonucleotide' (DA)(DC)(DG)(DT)(DA)(DC)(DG)(DT)(DG)(DA)(DT)(DC)(DG)(DC)(DA) T
3 'polypeptide(L)'
;AKMAFTLADRVTEEMLADKAALVVEVVEENYHDAPIVGIAVVNEHGRFFLRPETALADPQFVAWLGDETKKKSMFDSKRA
AVALKWKGIELCGVSFDLLLAAYLLDPAQGVDDVAAAAKMKQYEAVRPDEAVYGKGAKRAVPDEPVLAEHLVRKAAAIWA
LERPFLDELRRNEQDRLLVELEQPLSSILAEMEFAGVKVDTKRLEQMGEELAEQLRTVEQRIYELAGQEFNINSPKQLGV
ILFEKLQLPVLKKTKTGYSTSADVLEKLAPYHEIVENILHYRQLGKLQSTYIEGLLKVVRPDTKKVHTIFNQALTQTGRL
SSTEPNLQNIPIRLEEGRKIRQAFVPSESDWLIFAADYSQIELRVLAHIAEDDNLMEAFRRDLDIHTKTAMDIFQVSEDE
VTPNMRRQAKAVNFGIVYGISDYGLAQNLNISRKEAAEFIERYFESFPGVKRYMENIVQEAKQKGYVTTLLHRRRYLPDI
TSRNFNVRSFAERMAMNTPIQGSAADIIKKAMIDLNARLKEERLQARLLLQVHDELILEAPKEEMERLCRLVPEVMEQAV
TLRVPLKVDYHYGSTWYDAK
;
A
#
loop_
_chem_comp.id
_chem_comp.type
_chem_comp.name
_chem_comp.formula
DA DNA linking 2'-DEOXYADENOSINE-5'-MONOPHOSPHATE 'C10 H14 N5 O6 P'
DC DNA linking 2'-DEOXYCYTIDINE-5'-MONOPHOSPHATE 'C9 H14 N3 O7 P'
DG DNA linking 2'-DEOXYGUANOSINE-5'-MONOPHOSPHATE 'C10 H14 N5 O7 P'
DT DNA linking THYMIDINE-5'-MONOPHOSPHATE 'C10 H15 N2 O8 P'
MG non-polymer 'MAGNESIUM ION' 'Mg 2'
MPD non-polymer (4S)-2-METHYL-2,4-PENTANEDIOL 'C6 H14 O2'
SO4 non-polymer 'SULFATE ION' 'O4 S -2'
#
# COMPACT_ATOMS: atom_id res chain seq x y z
N ALA C 4 12.19 16.21 34.36
CA ALA C 4 12.32 17.65 34.15
C ALA C 4 12.94 17.96 32.79
N PHE C 5 12.73 19.19 32.33
CA PHE C 5 13.21 19.60 31.01
C PHE C 5 13.25 21.12 30.96
N THR C 6 13.93 21.62 29.94
CA THR C 6 14.10 23.06 29.72
C THR C 6 13.07 23.53 28.70
N LEU C 7 12.23 24.47 29.10
CA LEU C 7 11.36 25.16 28.16
C LEU C 7 12.16 26.32 27.58
N ALA C 8 12.75 26.10 26.41
CA ALA C 8 13.76 27.01 25.89
C ALA C 8 13.13 28.19 25.17
N ASP C 9 13.70 29.38 25.39
CA ASP C 9 13.31 30.57 24.64
C ASP C 9 14.17 30.80 23.41
N ARG C 10 15.34 30.18 23.37
CA ARG C 10 16.26 30.31 22.25
C ARG C 10 17.11 29.06 22.10
N VAL C 11 17.55 28.79 20.88
CA VAL C 11 18.38 27.61 20.62
C VAL C 11 19.78 27.86 21.17
N THR C 12 20.31 26.85 21.87
CA THR C 12 21.67 26.89 22.39
C THR C 12 22.50 25.75 21.78
N GLU C 13 23.83 25.88 21.93
CA GLU C 13 24.74 24.89 21.35
C GLU C 13 24.50 23.50 21.95
N GLU C 14 24.17 23.45 23.24
CA GLU C 14 23.86 22.19 23.93
C GLU C 14 22.77 21.40 23.20
N MET C 15 21.88 22.10 22.51
CA MET C 15 20.77 21.45 21.84
C MET C 15 21.16 20.85 20.50
N LEU C 16 22.39 21.10 20.05
CA LEU C 16 22.82 20.73 18.70
C LEU C 16 23.90 19.66 18.75
N ALA C 17 23.76 18.71 19.67
CA ALA C 17 24.71 17.61 19.81
C ALA C 17 24.62 16.66 18.62
N ASP C 18 25.61 15.79 18.47
CA ASP C 18 25.64 14.98 17.26
C ASP C 18 24.83 13.69 17.37
N LYS C 19 24.13 13.49 18.48
CA LYS C 19 23.12 12.43 18.57
C LYS C 19 21.99 12.94 19.43
N ALA C 20 20.75 12.76 18.98
CA ALA C 20 19.62 13.25 19.74
C ALA C 20 18.37 12.50 19.35
N ALA C 21 17.44 12.38 20.29
CA ALA C 21 16.06 12.06 19.96
C ALA C 21 15.35 13.37 19.61
N LEU C 22 14.64 13.38 18.49
CA LEU C 22 14.03 14.60 17.96
C LEU C 22 12.55 14.36 17.73
N VAL C 23 11.72 15.28 18.22
CA VAL C 23 10.29 15.27 17.96
C VAL C 23 9.96 16.59 17.26
N VAL C 24 9.37 16.50 16.07
CA VAL C 24 8.91 17.67 15.28
C VAL C 24 7.42 17.38 15.09
N GLU C 25 6.60 17.96 15.92
CA GLU C 25 5.24 17.47 16.11
C GLU C 25 4.27 18.09 15.12
N VAL C 26 3.63 17.23 14.33
CA VAL C 26 2.55 17.62 13.41
C VAL C 26 1.32 16.84 13.84
N VAL C 27 0.32 17.55 14.35
CA VAL C 27 -0.85 16.92 14.95
C VAL C 27 -1.88 16.56 13.89
N GLU C 28 -2.02 17.39 12.85
CA GLU C 28 -2.98 17.10 11.80
C GLU C 28 -2.61 15.78 11.11
N GLU C 29 -3.62 14.94 10.89
CA GLU C 29 -3.37 13.61 10.32
C GLU C 29 -2.69 13.71 8.96
N ASN C 30 -3.21 14.59 8.10
CA ASN C 30 -2.58 14.87 6.81
C ASN C 30 -1.54 15.95 7.05
N TYR C 31 -0.27 15.57 6.99
CA TYR C 31 0.80 16.49 7.36
C TYR C 31 1.23 17.39 6.22
N HIS C 32 0.60 17.30 5.05
CA HIS C 32 1.04 18.14 3.93
C HIS C 32 0.71 19.59 4.17
N ASP C 33 1.75 20.43 4.19
CA ASP C 33 1.62 21.88 4.42
C ASP C 33 0.97 22.18 5.77
N ALA C 34 1.13 21.29 6.74
CA ALA C 34 0.49 21.37 8.04
C ALA C 34 1.39 22.03 9.07
N PRO C 35 0.80 22.57 10.13
CA PRO C 35 1.60 23.25 11.16
C PRO C 35 2.47 22.28 11.94
N ILE C 36 3.65 22.78 12.33
CA ILE C 36 4.47 22.13 13.33
C ILE C 36 4.16 22.84 14.65
N VAL C 37 3.65 22.09 15.62
CA VAL C 37 3.14 22.70 16.85
C VAL C 37 4.17 22.78 17.97
N GLY C 38 5.25 22.05 17.87
CA GLY C 38 6.27 22.07 18.92
C GLY C 38 7.40 21.15 18.55
N ILE C 39 8.52 21.34 19.23
CA ILE C 39 9.73 20.58 18.98
C ILE C 39 10.32 20.14 20.31
N ALA C 40 10.75 18.88 20.39
CA ALA C 40 11.49 18.44 21.56
C ALA C 40 12.79 17.79 21.13
N VAL C 41 13.85 18.04 21.91
CA VAL C 41 15.16 17.46 21.69
C VAL C 41 15.63 16.84 23.00
N VAL C 42 16.04 15.58 22.95
CA VAL C 42 16.68 14.92 24.10
C VAL C 42 18.05 14.45 23.65
N ASN C 43 19.09 14.81 24.38
CA ASN C 43 20.44 14.37 24.04
C ASN C 43 21.22 14.21 25.34
N GLU C 44 22.53 13.99 25.20
CA GLU C 44 23.37 13.77 26.37
C GLU C 44 23.38 14.96 27.32
N HIS C 45 23.02 16.16 26.83
CA HIS C 45 23.11 17.36 27.64
C HIS C 45 21.81 17.71 28.35
N GLY C 46 20.68 17.13 27.94
CA GLY C 46 19.45 17.35 28.66
C GLY C 46 18.25 17.17 27.74
N ARG C 47 17.14 17.76 28.17
CA ARG C 47 15.85 17.64 27.52
C ARG C 47 15.30 19.03 27.27
N PHE C 48 14.92 19.29 26.02
CA PHE C 48 14.57 20.64 25.61
C PHE C 48 13.26 20.65 24.84
N PHE C 49 12.42 21.62 25.14
CA PHE C 49 11.24 21.93 24.33
C PHE C 49 11.48 23.28 23.67
N LEU C 50 11.27 23.33 22.36
CA LEU C 50 11.44 24.55 21.57
C LEU C 50 10.14 24.90 20.87
N ARG C 51 9.81 26.19 20.87
CA ARG C 51 8.70 26.66 20.05
C ARG C 51 9.14 26.69 18.58
N PRO C 52 8.31 26.20 17.65
CA PRO C 52 8.77 26.09 16.26
C PRO C 52 9.05 27.42 15.60
N GLU C 53 8.29 28.46 15.94
CA GLU C 53 8.53 29.76 15.31
C GLU C 53 9.92 30.29 15.66
N THR C 54 10.43 29.91 16.84
CA THR C 54 11.78 30.24 17.26
C THR C 54 12.80 29.32 16.61
N ALA C 55 12.64 28.01 16.81
CA ALA C 55 13.66 27.06 16.36
C ALA C 55 13.81 27.07 14.86
N LEU C 56 12.71 27.11 14.12
CA LEU C 56 12.77 26.96 12.67
C LEU C 56 13.21 28.23 11.96
N ALA C 57 13.27 29.36 12.69
CA ALA C 57 13.83 30.59 12.18
C ALA C 57 15.29 30.78 12.59
N ASP C 58 15.85 29.84 13.35
CA ASP C 58 17.22 29.94 13.84
C ASP C 58 18.16 29.25 12.88
N PRO C 59 19.12 29.95 12.28
CA PRO C 59 19.97 29.29 11.27
C PRO C 59 20.77 28.14 11.81
N GLN C 60 21.20 28.19 13.08
CA GLN C 60 21.99 27.09 13.62
C GLN C 60 21.14 25.85 13.81
N PHE C 61 19.88 26.02 14.21
CA PHE C 61 19.00 24.84 14.34
C PHE C 61 18.66 24.25 12.98
N VAL C 62 18.40 25.11 11.99
CA VAL C 62 18.09 24.61 10.65
C VAL C 62 19.30 23.89 10.05
N ALA C 63 20.50 24.44 10.25
CA ALA C 63 21.69 23.76 9.77
C ALA C 63 21.86 22.40 10.45
N TRP C 64 21.60 22.35 11.75
CA TRP C 64 21.67 21.08 12.47
C TRP C 64 20.68 20.06 11.92
N LEU C 65 19.45 20.51 11.64
CA LEU C 65 18.44 19.60 11.09
C LEU C 65 18.92 18.99 9.77
N GLY C 66 19.58 19.79 8.94
CA GLY C 66 20.02 19.36 7.63
C GLY C 66 21.38 18.70 7.58
N ASP C 67 22.06 18.56 8.72
CA ASP C 67 23.41 18.02 8.75
C ASP C 67 23.32 16.50 8.92
N GLU C 68 23.70 15.79 7.86
CA GLU C 68 23.67 14.33 7.84
C GLU C 68 24.54 13.72 8.93
N THR C 69 25.57 14.44 9.39
CA THR C 69 26.44 13.90 10.42
C THR C 69 25.90 14.09 11.83
N LYS C 70 24.82 14.85 11.98
CA LYS C 70 24.15 15.00 13.26
C LYS C 70 23.00 14.01 13.27
N LYS C 71 23.12 12.94 14.06
CA LYS C 71 22.20 11.82 13.97
C LYS C 71 20.98 12.04 14.85
N LYS C 72 19.81 11.75 14.30
CA LYS C 72 18.55 11.89 15.01
C LYS C 72 17.81 10.57 15.07
N SER C 73 17.22 10.31 16.24
CA SER C 73 16.28 9.22 16.42
C SER C 73 14.88 9.80 16.56
N MET C 74 13.93 9.23 15.82
CA MET C 74 12.61 9.83 15.68
C MET C 74 11.57 8.73 15.63
N PHE C 75 10.30 9.15 15.64
CA PHE C 75 9.16 8.29 15.35
C PHE C 75 8.39 8.91 14.19
N ASP C 76 8.24 8.16 13.10
CA ASP C 76 7.55 8.65 11.89
C ASP C 76 8.28 9.87 11.33
N SER C 77 9.55 9.65 11.02
CA SER C 77 10.36 10.74 10.48
C SER C 77 9.83 11.27 9.16
N LYS C 78 9.10 10.44 8.39
CA LYS C 78 8.56 10.93 7.12
C LYS C 78 7.58 12.09 7.34
N ARG C 79 6.74 11.97 8.35
CA ARG C 79 5.82 13.05 8.72
C ARG C 79 6.59 14.34 8.99
N ALA C 80 7.64 14.27 9.80
CA ALA C 80 8.43 15.47 10.09
C ALA C 80 9.14 15.98 8.84
N ALA C 81 9.71 15.05 8.06
CA ALA C 81 10.47 15.46 6.89
C ALA C 81 9.59 16.18 5.87
N VAL C 82 8.38 15.66 5.65
CA VAL C 82 7.50 16.28 4.68
C VAL C 82 6.99 17.62 5.20
N ALA C 83 6.58 17.67 6.47
CA ALA C 83 6.14 18.95 7.01
C ALA C 83 7.24 20.00 6.89
N LEU C 84 8.49 19.59 7.08
CA LEU C 84 9.59 20.53 6.95
C LEU C 84 9.86 20.89 5.48
N LYS C 85 9.70 19.93 4.56
CA LYS C 85 9.84 20.24 3.13
C LYS C 85 8.90 21.36 2.71
N TRP C 86 7.66 21.34 3.22
CA TRP C 86 6.71 22.39 2.87
C TRP C 86 7.14 23.75 3.42
N LYS C 87 8.05 23.76 4.40
CA LYS C 87 8.61 24.99 4.93
C LYS C 87 9.99 25.30 4.34
N GLY C 88 10.42 24.52 3.35
CA GLY C 88 11.72 24.73 2.74
C GLY C 88 12.89 24.33 3.60
N ILE C 89 12.71 23.37 4.51
CA ILE C 89 13.73 22.95 5.45
C ILE C 89 14.02 21.48 5.23
N GLU C 90 15.31 21.15 5.07
CA GLU C 90 15.74 19.78 4.84
C GLU C 90 16.06 19.09 6.15
N LEU C 91 15.53 17.88 6.33
CA LEU C 91 15.84 17.03 7.47
C LEU C 91 16.75 15.90 7.00
N CYS C 92 17.92 15.79 7.61
CA CYS C 92 18.89 14.75 7.27
C CYS C 92 19.36 14.06 8.55
N GLY C 93 20.02 12.93 8.36
CA GLY C 93 20.68 12.27 9.47
C GLY C 93 19.76 11.48 10.38
N VAL C 94 18.58 11.09 9.91
CA VAL C 94 17.70 10.28 10.73
C VAL C 94 18.25 8.85 10.70
N SER C 95 18.84 8.41 11.80
CA SER C 95 19.50 7.11 11.84
C SER C 95 18.62 6.03 12.46
N PHE C 96 17.54 6.40 13.12
CA PHE C 96 16.66 5.42 13.75
C PHE C 96 15.25 5.96 13.74
N ASP C 97 14.31 5.19 13.19
CA ASP C 97 12.90 5.56 13.18
C ASP C 97 12.15 4.49 13.95
N LEU C 98 11.65 4.86 15.14
CA LEU C 98 11.00 3.91 16.03
C LEU C 98 9.73 3.33 15.42
N LEU C 99 9.01 4.09 14.59
CA LEU C 99 7.81 3.55 13.95
C LEU C 99 8.18 2.40 13.02
N LEU C 100 9.21 2.58 12.19
CA LEU C 100 9.60 1.53 11.29
C LEU C 100 10.23 0.35 12.02
N ALA C 101 10.97 0.61 13.10
CA ALA C 101 11.52 -0.48 13.90
C ALA C 101 10.40 -1.34 14.50
N ALA C 102 9.38 -0.70 15.06
CA ALA C 102 8.27 -1.44 15.64
C ALA C 102 7.52 -2.23 14.58
N TYR C 103 7.31 -1.61 13.41
CA TYR C 103 6.63 -2.27 12.32
C TYR C 103 7.34 -3.54 11.90
N LEU C 104 8.68 -3.48 11.79
CA LEU C 104 9.41 -4.65 11.36
C LEU C 104 9.40 -5.73 12.44
N LEU C 105 9.46 -5.34 13.71
CA LEU C 105 9.44 -6.34 14.77
C LEU C 105 8.11 -7.08 14.81
N ASP C 106 7.00 -6.38 14.61
CA ASP C 106 5.69 -7.01 14.69
C ASP C 106 4.65 -6.10 14.07
N PRO C 107 4.32 -6.31 12.79
CA PRO C 107 3.31 -5.44 12.15
C PRO C 107 1.94 -5.53 12.78
N ALA C 108 1.64 -6.62 13.51
CA ALA C 108 0.30 -6.79 14.04
C ALA C 108 0.03 -5.96 15.27
N GLN C 109 1.06 -5.35 15.85
CA GLN C 109 0.84 -4.46 16.98
C GLN C 109 0.05 -3.23 16.57
N GLY C 110 0.03 -2.89 15.29
CA GLY C 110 -0.62 -1.67 14.84
C GLY C 110 -0.04 -0.41 15.45
N VAL C 111 1.27 -0.41 15.72
CA VAL C 111 1.90 0.75 16.37
C VAL C 111 1.70 1.98 15.49
N ASP C 112 0.98 2.96 16.03
CA ASP C 112 0.81 4.24 15.35
C ASP C 112 1.16 5.42 16.23
N ASP C 113 1.66 5.19 17.44
CA ASP C 113 2.23 6.31 18.19
C ASP C 113 3.36 5.78 19.07
N VAL C 114 4.11 6.73 19.64
CA VAL C 114 5.27 6.35 20.46
C VAL C 114 4.83 5.49 21.65
N ALA C 115 3.69 5.83 22.28
CA ALA C 115 3.25 5.06 23.44
C ALA C 115 3.05 3.58 23.10
N ALA C 116 2.52 3.29 21.90
CA ALA C 116 2.29 1.89 21.55
C ALA C 116 3.59 1.15 21.31
N ALA C 117 4.59 1.81 20.71
CA ALA C 117 5.90 1.19 20.57
C ALA C 117 6.54 0.99 21.93
N ALA C 118 6.43 1.99 22.80
CA ALA C 118 7.05 1.91 24.11
C ALA C 118 6.50 0.75 24.92
N LYS C 119 5.20 0.46 24.77
CA LYS C 119 4.60 -0.63 25.53
C LYS C 119 5.22 -1.97 25.16
N MET C 120 5.78 -2.10 23.96
CA MET C 120 6.42 -3.35 23.55
C MET C 120 7.64 -3.68 24.41
N LYS C 121 8.25 -2.67 25.05
CA LYS C 121 9.39 -2.89 25.93
C LYS C 121 9.09 -2.42 27.35
N GLN C 122 7.82 -2.50 27.76
CA GLN C 122 7.41 -2.24 29.14
C GLN C 122 7.75 -0.82 29.58
N TYR C 123 7.72 0.11 28.64
CA TYR C 123 7.94 1.52 28.93
C TYR C 123 6.58 2.21 28.79
N GLU C 124 6.10 2.79 29.89
CA GLU C 124 4.76 3.37 29.88
C GLU C 124 4.71 4.82 30.36
N ALA C 125 5.86 5.48 30.45
CA ALA C 125 5.93 6.87 30.93
C ALA C 125 5.72 7.88 29.81
N VAL C 126 4.77 7.58 28.92
CA VAL C 126 4.40 8.46 27.81
C VAL C 126 2.95 8.16 27.48
N ARG C 127 2.18 9.20 27.17
CA ARG C 127 0.77 9.05 26.87
C ARG C 127 0.53 8.76 25.39
N PRO C 128 -0.54 8.04 25.06
CA PRO C 128 -0.95 7.93 23.66
C PRO C 128 -1.30 9.31 23.11
N ASP C 129 -0.97 9.54 21.84
CA ASP C 129 -1.31 10.81 21.21
C ASP C 129 -2.79 11.12 21.32
N GLU C 130 -3.64 10.11 21.14
CA GLU C 130 -5.09 10.33 21.18
C GLU C 130 -5.55 10.81 22.56
N ALA C 131 -4.87 10.36 23.63
CA ALA C 131 -5.21 10.85 24.96
C ALA C 131 -4.88 12.32 25.11
N VAL C 132 -3.84 12.79 24.43
CA VAL C 132 -3.40 14.17 24.57
C VAL C 132 -4.22 15.10 23.68
N TYR C 133 -4.40 14.69 22.43
CA TYR C 133 -5.02 15.57 21.43
C TYR C 133 -6.51 15.36 21.28
N GLY C 134 -7.04 14.21 21.69
CA GLY C 134 -8.42 13.89 21.44
C GLY C 134 -8.61 13.28 20.06
N LYS C 135 -9.86 12.88 19.80
CA LYS C 135 -10.22 12.15 18.60
C LYS C 135 -11.25 12.93 17.80
N GLY C 136 -11.04 12.99 16.49
CA GLY C 136 -12.02 13.56 15.58
C GLY C 136 -12.25 15.05 15.69
N ALA C 137 -13.48 15.44 16.04
CA ALA C 137 -13.83 16.85 16.13
C ALA C 137 -13.36 17.48 17.45
N LYS C 138 -13.40 16.72 18.54
CA LYS C 138 -12.86 17.18 19.81
C LYS C 138 -11.34 17.31 19.80
N ARG C 139 -10.70 17.02 18.67
CA ARG C 139 -9.25 17.07 18.57
C ARG C 139 -8.75 18.51 18.65
N ALA C 140 -7.63 18.70 19.36
CA ALA C 140 -7.08 20.04 19.55
C ALA C 140 -5.67 19.93 20.11
N VAL C 141 -4.85 20.92 19.78
CA VAL C 141 -3.55 21.07 20.43
C VAL C 141 -3.74 21.61 21.84
N PRO C 142 -3.19 20.97 22.86
CA PRO C 142 -3.35 21.47 24.22
C PRO C 142 -2.48 22.71 24.47
N ASP C 143 -2.67 23.30 25.64
CA ASP C 143 -1.87 24.44 26.04
C ASP C 143 -0.41 24.03 26.23
N GLU C 144 0.47 25.03 26.16
CA GLU C 144 1.90 24.76 26.09
C GLU C 144 2.44 23.87 27.21
N PRO C 145 2.05 24.01 28.48
CA PRO C 145 2.60 23.09 29.49
C PRO C 145 2.28 21.63 29.21
N VAL C 146 1.05 21.35 28.80
CA VAL C 146 0.65 19.97 28.51
C VAL C 146 1.35 19.47 27.25
N LEU C 147 1.39 20.32 26.21
CA LEU C 147 2.02 19.93 24.96
C LEU C 147 3.50 19.67 25.16
N ALA C 148 4.18 20.57 25.88
CA ALA C 148 5.62 20.43 26.05
C ALA C 148 5.96 19.17 26.83
N GLU C 149 5.21 18.86 27.88
CA GLU C 149 5.51 17.63 28.62
C GLU C 149 5.30 16.40 27.73
N HIS C 150 4.26 16.40 26.91
CA HIS C 150 4.02 15.27 26.02
C HIS C 150 5.16 15.10 25.03
N LEU C 151 5.62 16.19 24.42
CA LEU C 151 6.66 16.04 23.40
C LEU C 151 7.99 15.60 24.02
N VAL C 152 8.31 16.13 25.21
CA VAL C 152 9.52 15.70 25.88
C VAL C 152 9.41 14.23 26.30
N ARG C 153 8.23 13.80 26.75
CA ARG C 153 8.07 12.39 27.11
C ARG C 153 8.22 11.49 25.88
N LYS C 154 7.72 11.94 24.72
CA LYS C 154 7.92 11.13 23.52
C LYS C 154 9.40 11.07 23.15
N ALA C 155 10.09 12.21 23.21
CA ALA C 155 11.51 12.21 22.88
C ALA C 155 12.31 11.37 23.87
N ALA C 156 11.94 11.44 25.16
CA ALA C 156 12.62 10.63 26.17
C ALA C 156 12.38 9.15 25.92
N ALA C 157 11.17 8.78 25.50
CA ALA C 157 10.89 7.38 25.19
C ALA C 157 11.70 6.91 24.00
N ILE C 158 11.76 7.70 22.94
CA ILE C 158 12.58 7.34 21.79
C ILE C 158 14.03 7.15 22.21
N TRP C 159 14.55 8.08 23.02
CA TRP C 159 15.92 7.99 23.51
C TRP C 159 16.16 6.69 24.27
N ALA C 160 15.20 6.30 25.10
CA ALA C 160 15.33 5.10 25.92
C ALA C 160 14.88 3.80 25.25
N LEU C 161 14.39 3.87 24.02
CA LEU C 161 13.93 2.66 23.35
C LEU C 161 14.80 2.27 22.16
N GLU C 162 15.65 3.16 21.67
CA GLU C 162 16.45 2.85 20.49
C GLU C 162 17.27 1.58 20.68
N ARG C 163 17.99 1.48 21.79
CA ARG C 163 18.85 0.33 22.00
C ARG C 163 18.07 -0.98 22.08
N PRO C 164 17.01 -1.12 22.92
CA PRO C 164 16.28 -2.40 22.96
C PRO C 164 15.67 -2.76 21.63
N PHE C 165 15.18 -1.77 20.88
CA PHE C 165 14.59 -2.10 19.57
C PHE C 165 15.65 -2.56 18.59
N LEU C 166 16.79 -1.86 18.55
CA LEU C 166 17.86 -2.28 17.65
C LEU C 166 18.39 -3.65 18.03
N ASP C 167 18.47 -3.93 19.34
CA ASP C 167 18.93 -5.24 19.79
C ASP C 167 18.02 -6.34 19.27
N GLU C 168 16.70 -6.13 19.35
CA GLU C 168 15.80 -7.19 18.88
C GLU C 168 15.81 -7.29 17.37
N LEU C 169 15.93 -6.16 16.67
CA LEU C 169 16.04 -6.24 15.22
C LEU C 169 17.27 -7.05 14.82
N ARG C 170 18.36 -6.84 15.54
CA ARG C 170 19.60 -7.56 15.28
C ARG C 170 19.37 -9.06 15.46
N ARG C 171 18.77 -9.43 16.59
CA ARG C 171 18.49 -10.85 16.88
C ARG C 171 17.64 -11.47 15.78
N ASN C 172 16.68 -10.72 15.24
CA ASN C 172 15.80 -11.15 14.16
C ASN C 172 16.48 -11.13 12.80
N GLU C 173 17.73 -10.65 12.69
CA GLU C 173 18.39 -10.42 11.39
C GLU C 173 17.59 -9.45 10.53
N GLN C 174 17.08 -8.40 11.18
CA GLN C 174 16.31 -7.35 10.55
C GLN C 174 16.99 -5.99 10.63
N ASP C 175 18.21 -5.92 11.16
CA ASP C 175 18.83 -4.60 11.31
C ASP C 175 19.11 -3.96 9.96
N ARG C 176 19.55 -4.75 8.97
CA ARG C 176 19.78 -4.19 7.64
C ARG C 176 18.46 -3.84 6.96
N LEU C 177 17.41 -4.65 7.19
CA LEU C 177 16.09 -4.31 6.68
C LEU C 177 15.65 -2.93 7.14
N LEU C 178 15.94 -2.57 8.39
CA LEU C 178 15.59 -1.24 8.86
C LEU C 178 16.51 -0.18 8.24
N VAL C 179 17.81 -0.40 8.32
CA VAL C 179 18.77 0.68 8.05
C VAL C 179 19.02 0.84 6.56
N GLU C 180 18.98 -0.26 5.80
CA GLU C 180 19.29 -0.23 4.38
C GLU C 180 18.06 -0.27 3.48
N LEU C 181 16.90 -0.67 4.00
CA LEU C 181 15.68 -0.70 3.17
C LEU C 181 14.64 0.29 3.67
N GLU C 182 14.05 0.09 4.85
CA GLU C 182 12.88 0.91 5.19
C GLU C 182 13.23 2.37 5.44
N GLN C 183 14.34 2.63 6.16
CA GLN C 183 14.66 4.04 6.43
C GLN C 183 15.03 4.79 5.17
N PRO C 184 15.87 4.27 4.27
CA PRO C 184 16.10 4.99 3.01
C PRO C 184 14.83 5.12 2.17
N LEU C 185 13.97 4.10 2.19
CA LEU C 185 12.72 4.21 1.45
C LEU C 185 11.85 5.34 2.00
N SER C 186 11.87 5.54 3.31
CA SER C 186 11.04 6.58 3.91
C SER C 186 11.36 7.95 3.33
N SER C 187 12.65 8.22 3.10
CA SER C 187 13.05 9.49 2.50
C SER C 187 12.58 9.61 1.06
N ILE C 188 12.60 8.50 0.31
CA ILE C 188 12.14 8.50 -1.06
C ILE C 188 10.63 8.72 -1.11
N LEU C 189 9.88 8.03 -0.25
CA LEU C 189 8.44 8.26 -0.18
C LEU C 189 8.14 9.71 0.19
N ALA C 190 8.90 10.28 1.11
CA ALA C 190 8.71 11.69 1.45
C ALA C 190 8.82 12.57 0.22
N GLU C 191 9.84 12.33 -0.62
CA GLU C 191 10.02 13.11 -1.85
C GLU C 191 8.84 12.92 -2.80
N MET C 192 8.36 11.67 -2.94
CA MET C 192 7.26 11.39 -3.84
C MET C 192 6.00 12.11 -3.41
N GLU C 193 5.66 12.01 -2.11
CA GLU C 193 4.46 12.66 -1.60
C GLU C 193 4.55 14.16 -1.75
N PHE C 194 5.71 14.74 -1.44
CA PHE C 194 5.87 16.18 -1.55
C PHE C 194 5.74 16.67 -2.99
N ALA C 195 6.29 15.93 -3.94
CA ALA C 195 6.16 16.31 -5.35
C ALA C 195 4.69 16.34 -5.76
N GLY C 196 3.93 15.31 -5.37
CA GLY C 196 2.53 15.21 -5.76
C GLY C 196 2.35 14.87 -7.22
N VAL C 197 1.08 14.70 -7.59
CA VAL C 197 0.69 14.42 -8.97
C VAL C 197 -0.28 15.50 -9.44
N LYS C 198 0.00 16.06 -10.61
CA LYS C 198 -0.87 17.10 -11.16
C LYS C 198 -2.16 16.49 -11.69
N VAL C 199 -3.27 17.15 -11.42
CA VAL C 199 -4.59 16.68 -11.84
C VAL C 199 -5.18 17.69 -12.81
N ASP C 200 -5.71 17.19 -13.92
CA ASP C 200 -6.46 17.99 -14.88
C ASP C 200 -7.88 18.11 -14.37
N THR C 201 -8.12 19.15 -13.55
CA THR C 201 -9.40 19.26 -12.87
C THR C 201 -10.52 19.63 -13.81
N LYS C 202 -10.25 20.38 -14.88
CA LYS C 202 -11.31 20.69 -15.84
C LYS C 202 -11.73 19.43 -16.59
N ARG C 203 -10.79 18.54 -16.91
CA ARG C 203 -11.18 17.25 -17.49
C ARG C 203 -12.00 16.42 -16.52
N LEU C 204 -11.60 16.39 -15.25
CA LEU C 204 -12.38 15.68 -14.23
C LEU C 204 -13.78 16.24 -14.13
N GLU C 205 -13.92 17.57 -14.12
CA GLU C 205 -15.24 18.16 -14.01
C GLU C 205 -16.10 17.84 -15.22
N GLN C 206 -15.50 17.85 -16.41
CA GLN C 206 -16.23 17.46 -17.61
C GLN C 206 -16.72 16.02 -17.50
N MET C 207 -15.78 15.07 -17.18
CA MET C 207 -15.92 13.56 -17.01
C MET C 207 -17.00 13.19 -16.05
N GLY C 208 -17.11 13.96 -14.99
CA GLY C 208 -18.15 13.80 -14.01
C GLY C 208 -19.46 14.21 -14.64
N GLU C 209 -19.41 15.25 -15.45
CA GLU C 209 -20.54 15.75 -16.18
C GLU C 209 -21.08 14.67 -17.11
N GLU C 210 -20.18 13.98 -17.78
CA GLU C 210 -20.59 12.93 -18.63
C GLU C 210 -21.26 11.90 -17.76
N LEU C 211 -20.91 11.91 -16.48
CA LEU C 211 -21.36 10.84 -15.59
C LEU C 211 -22.70 11.18 -14.96
N ALA C 212 -22.91 12.46 -14.61
CA ALA C 212 -24.18 12.85 -14.01
C ALA C 212 -25.34 12.61 -14.97
N GLU C 213 -25.12 12.83 -16.27
CA GLU C 213 -26.17 12.59 -17.26
C GLU C 213 -26.47 11.11 -17.39
N GLN C 214 -25.42 10.28 -17.48
CA GLN C 214 -25.62 8.85 -17.64
C GLN C 214 -26.23 8.24 -16.39
N LEU C 215 -25.86 8.74 -15.21
CA LEU C 215 -26.47 8.27 -13.97
C LEU C 215 -27.96 8.55 -13.95
N ARG C 216 -28.34 9.74 -14.37
CA ARG C 216 -29.75 10.08 -14.40
C ARG C 216 -30.47 9.16 -15.35
N THR C 217 -29.87 8.86 -16.46
CA THR C 217 -30.49 8.01 -17.46
C THR C 217 -30.72 6.60 -16.92
N VAL C 218 -29.68 5.99 -16.35
CA VAL C 218 -29.82 4.62 -15.85
C VAL C 218 -30.73 4.60 -14.62
N GLU C 219 -30.66 5.64 -13.79
CA GLU C 219 -31.49 5.69 -12.60
C GLU C 219 -32.98 5.73 -12.95
N GLN C 220 -33.34 6.42 -14.01
CA GLN C 220 -34.73 6.48 -14.43
C GLN C 220 -35.10 5.15 -15.04
N ARG C 221 -34.22 4.51 -15.76
CA ARG C 221 -34.49 3.19 -16.31
C ARG C 221 -34.74 2.17 -15.20
N ILE C 222 -33.97 2.27 -14.11
CA ILE C 222 -34.14 1.36 -12.98
C ILE C 222 -35.50 1.58 -12.33
N TYR C 223 -35.90 2.85 -12.18
CA TYR C 223 -37.22 3.14 -11.60
C TYR C 223 -38.33 2.55 -12.44
N GLU C 224 -38.25 2.70 -13.76
CA GLU C 224 -39.27 2.12 -14.63
C GLU C 224 -39.31 0.61 -14.50
N LEU C 225 -38.15 -0.04 -14.52
CA LEU C 225 -38.10 -1.49 -14.40
C LEU C 225 -38.59 -1.96 -13.03
N ALA C 226 -38.35 -1.17 -11.99
CA ALA C 226 -38.82 -1.52 -10.66
C ALA C 226 -40.27 -1.15 -10.43
N GLY C 227 -40.88 -0.43 -11.36
CA GLY C 227 -42.24 0.05 -11.17
C GLY C 227 -42.39 1.01 -10.01
N GLN C 228 -41.29 1.62 -9.57
CA GLN C 228 -41.33 2.45 -8.38
C GLN C 228 -39.98 3.15 -8.21
N GLU C 229 -40.04 4.40 -7.76
CA GLU C 229 -38.83 5.17 -7.46
C GLU C 229 -38.34 4.82 -6.06
N PHE C 230 -37.05 4.54 -5.94
CA PHE C 230 -36.46 4.15 -4.65
C PHE C 230 -34.99 4.57 -4.61
N ASN C 231 -34.28 4.37 -3.45
CA ASN C 231 -32.80 4.69 -3.27
C ASN C 231 -31.94 3.58 -3.67
N ILE C 232 -31.58 3.63 -4.91
CA ILE C 232 -30.80 2.55 -5.49
C ILE C 232 -29.54 2.27 -4.67
N ASN C 233 -28.97 3.29 -4.04
CA ASN C 233 -27.72 3.09 -3.33
C ASN C 233 -27.90 2.53 -1.93
N SER C 234 -29.12 2.38 -1.47
CA SER C 234 -29.33 1.74 -0.18
C SER C 234 -29.27 0.23 -0.33
N PRO C 235 -28.44 -0.45 0.46
CA PRO C 235 -28.41 -1.92 0.37
C PRO C 235 -29.72 -2.56 0.79
N LYS C 236 -30.34 -2.03 1.85
CA LYS C 236 -31.60 -2.60 2.32
C LYS C 236 -32.71 -2.43 1.29
N GLN C 237 -32.82 -1.22 0.73
CA GLN C 237 -33.91 -0.96 -0.20
C GLN C 237 -33.76 -1.76 -1.48
N LEU C 238 -32.54 -1.83 -2.01
CA LEU C 238 -32.30 -2.61 -3.22
C LEU C 238 -32.67 -4.08 -3.00
N GLY C 239 -32.24 -4.65 -1.87
CA GLY C 239 -32.54 -6.04 -1.59
C GLY C 239 -34.04 -6.32 -1.48
N VAL C 240 -34.80 -5.36 -0.98
CA VAL C 240 -36.25 -5.52 -0.91
C VAL C 240 -36.85 -5.49 -2.32
N ILE C 241 -36.44 -4.52 -3.14
CA ILE C 241 -36.93 -4.43 -4.52
C ILE C 241 -36.63 -5.73 -5.26
N LEU C 242 -35.38 -6.19 -5.19
CA LEU C 242 -34.96 -7.35 -5.96
C LEU C 242 -35.65 -8.62 -5.48
N PHE C 243 -35.65 -8.87 -4.17
CA PHE C 243 -36.00 -10.18 -3.65
C PHE C 243 -37.39 -10.28 -3.06
N GLU C 244 -38.04 -9.15 -2.80
CA GLU C 244 -39.42 -9.16 -2.32
C GLU C 244 -40.41 -8.67 -3.37
N LYS C 245 -40.15 -7.52 -4.00
CA LYS C 245 -41.11 -7.01 -4.98
C LYS C 245 -40.98 -7.74 -6.31
N LEU C 246 -39.77 -7.84 -6.83
CA LEU C 246 -39.53 -8.53 -8.07
C LEU C 246 -39.33 -10.03 -7.89
N GLN C 247 -39.16 -10.50 -6.66
CA GLN C 247 -39.14 -11.93 -6.35
C GLN C 247 -37.97 -12.66 -7.03
N LEU C 248 -36.82 -12.02 -7.15
CA LEU C 248 -35.71 -12.74 -7.76
C LEU C 248 -35.17 -13.78 -6.83
N PRO C 249 -34.54 -14.79 -7.31
CA PRO C 249 -33.99 -15.84 -6.48
C PRO C 249 -32.89 -15.44 -5.44
N VAL C 250 -32.88 -16.05 -4.28
CA VAL C 250 -31.87 -15.77 -3.27
C VAL C 250 -30.90 -16.92 -3.11
N LEU C 251 -29.70 -16.75 -3.60
CA LEU C 251 -28.76 -17.81 -3.49
C LEU C 251 -27.73 -17.57 -2.38
N LYS C 252 -28.15 -17.27 -1.15
CA LYS C 252 -27.21 -16.94 -0.09
C LYS C 252 -27.62 -17.06 1.34
N LYS C 253 -26.66 -16.68 2.15
CA LYS C 253 -26.82 -16.76 3.55
C LYS C 253 -26.81 -15.48 4.33
N THR C 254 -26.56 -15.65 5.65
CA THR C 254 -26.44 -14.67 6.78
C THR C 254 -27.69 -13.85 7.00
N LYS C 255 -27.83 -13.08 8.10
CA LYS C 255 -29.08 -12.35 8.16
C LYS C 255 -29.12 -10.89 8.10
N THR C 256 -28.37 -10.38 7.15
CA THR C 256 -28.26 -8.97 6.90
C THR C 256 -29.16 -8.66 5.73
N GLY C 257 -30.43 -9.04 5.81
CA GLY C 257 -31.31 -8.82 4.70
C GLY C 257 -30.75 -9.69 3.62
N TYR C 258 -30.38 -9.09 2.52
CA TYR C 258 -29.81 -9.83 1.44
C TYR C 258 -28.58 -9.20 0.86
N SER C 259 -27.71 -10.02 0.44
CA SER C 259 -26.51 -9.59 -0.27
C SER C 259 -26.85 -9.15 -1.68
N THR C 260 -26.36 -7.98 -2.08
CA THR C 260 -26.52 -7.45 -3.42
C THR C 260 -25.17 -7.14 -4.06
N SER C 261 -24.12 -7.82 -3.62
CA SER C 261 -22.80 -7.62 -4.19
C SER C 261 -22.77 -8.09 -5.63
N ALA C 262 -21.77 -7.60 -6.38
CA ALA C 262 -21.74 -7.80 -7.82
C ALA C 262 -21.68 -9.28 -8.18
N ASP C 263 -21.03 -10.10 -7.36
CA ASP C 263 -20.97 -11.54 -7.64
C ASP C 263 -22.35 -12.17 -7.56
N VAL C 264 -23.22 -11.66 -6.69
CA VAL C 264 -24.60 -12.15 -6.64
C VAL C 264 -25.40 -11.61 -7.83
N LEU C 265 -25.28 -10.31 -8.10
CA LEU C 265 -26.02 -9.71 -9.19
C LEU C 265 -25.65 -10.31 -10.53
N GLU C 266 -24.37 -10.67 -10.73
CA GLU C 266 -23.96 -11.26 -11.99
C GLU C 266 -24.69 -12.57 -12.24
N LYS C 267 -24.95 -13.34 -11.18
CA LYS C 267 -25.71 -14.57 -11.32
C LYS C 267 -27.21 -14.31 -11.52
N LEU C 268 -27.71 -13.20 -10.99
CA LEU C 268 -29.12 -12.86 -11.09
C LEU C 268 -29.50 -12.19 -12.40
N ALA C 269 -28.51 -11.74 -13.18
CA ALA C 269 -28.80 -10.98 -14.39
C ALA C 269 -29.75 -11.68 -15.35
N PRO C 270 -29.66 -12.98 -15.61
CA PRO C 270 -30.62 -13.60 -16.56
C PRO C 270 -32.08 -13.49 -16.14
N TYR C 271 -32.40 -13.15 -14.89
CA TYR C 271 -33.78 -13.18 -14.44
C TYR C 271 -34.52 -11.87 -14.65
N HIS C 272 -33.83 -10.75 -14.74
CA HIS C 272 -34.54 -9.47 -14.88
C HIS C 272 -33.62 -8.44 -15.48
N GLU C 273 -34.17 -7.61 -16.38
CA GLU C 273 -33.43 -6.54 -17.02
C GLU C 273 -32.87 -5.54 -16.01
N ILE C 274 -33.47 -5.44 -14.81
CA ILE C 274 -33.05 -4.43 -13.86
C ILE C 274 -31.65 -4.71 -13.33
N VAL C 275 -31.21 -5.96 -13.33
CA VAL C 275 -29.95 -6.30 -12.65
C VAL C 275 -28.76 -5.69 -13.40
N GLU C 276 -28.74 -5.84 -14.73
CA GLU C 276 -27.68 -5.20 -15.51
C GLU C 276 -27.66 -3.69 -15.29
N ASN C 277 -28.83 -3.07 -15.11
CA ASN C 277 -28.86 -1.63 -14.92
C ASN C 277 -28.36 -1.25 -13.53
N ILE C 278 -28.65 -2.07 -12.52
CA ILE C 278 -28.12 -1.78 -11.18
C ILE C 278 -26.60 -1.92 -11.19
N LEU C 279 -26.08 -2.95 -11.87
CA LEU C 279 -24.63 -3.09 -11.98
C LEU C 279 -24.00 -1.89 -12.67
N HIS C 280 -24.63 -1.40 -13.74
CA HIS C 280 -24.12 -0.22 -14.44
C HIS C 280 -24.23 1.02 -13.57
N TYR C 281 -25.35 1.20 -12.89
CA TYR C 281 -25.49 2.30 -11.94
C TYR C 281 -24.41 2.24 -10.87
N ARG C 282 -24.10 1.03 -10.39
CA ARG C 282 -23.04 0.89 -9.40
C ARG C 282 -21.69 1.32 -9.95
N GLN C 283 -21.37 0.94 -11.19
CA GLN C 283 -20.11 1.34 -11.78
C GLN C 283 -20.01 2.86 -11.89
N LEU C 284 -21.05 3.50 -12.43
CA LEU C 284 -21.00 4.94 -12.64
C LEU C 284 -20.98 5.70 -11.31
N GLY C 285 -21.78 5.26 -10.35
CA GLY C 285 -21.84 5.95 -9.07
C GLY C 285 -20.54 5.85 -8.31
N LYS C 286 -19.85 4.72 -8.41
CA LYS C 286 -18.53 4.58 -7.82
C LYS C 286 -17.56 5.60 -8.43
N LEU C 287 -17.59 5.75 -9.74
CA LEU C 287 -16.70 6.72 -10.38
C LEU C 287 -17.04 8.13 -9.95
N GLN C 288 -18.33 8.47 -9.89
CA GLN C 288 -18.72 9.83 -9.54
C GLN C 288 -18.37 10.15 -8.08
N SER C 289 -18.76 9.29 -7.15
CA SER C 289 -18.61 9.63 -5.74
C SER C 289 -17.15 9.58 -5.29
N THR C 290 -16.44 8.53 -5.69
CA THR C 290 -15.08 8.31 -5.17
C THR C 290 -14.01 8.96 -6.04
N TYR C 291 -14.13 8.85 -7.37
CA TYR C 291 -13.03 9.21 -8.26
C TYR C 291 -13.23 10.52 -9.00
N ILE C 292 -14.39 11.15 -8.91
CA ILE C 292 -14.53 12.49 -9.45
C ILE C 292 -14.75 13.45 -8.28
N GLU C 293 -15.88 13.31 -7.58
CA GLU C 293 -16.18 14.18 -6.46
C GLU C 293 -15.12 14.04 -5.36
N GLY C 294 -14.81 12.80 -4.97
CA GLY C 294 -13.86 12.60 -3.89
C GLY C 294 -12.47 13.10 -4.22
N LEU C 295 -12.04 12.86 -5.46
CA LEU C 295 -10.72 13.32 -5.89
C LEU C 295 -10.64 14.84 -5.88
N LEU C 296 -11.64 15.50 -6.47
CA LEU C 296 -11.63 16.96 -6.51
C LEU C 296 -11.57 17.58 -5.12
N LYS C 297 -12.10 16.87 -4.11
CA LYS C 297 -12.10 17.39 -2.74
C LYS C 297 -10.69 17.52 -2.17
N VAL C 298 -9.75 16.69 -2.61
CA VAL C 298 -8.41 16.69 -2.03
C VAL C 298 -7.37 17.26 -2.96
N VAL C 299 -7.77 17.74 -4.14
CA VAL C 299 -6.84 18.45 -5.02
C VAL C 299 -6.51 19.81 -4.40
N ARG C 300 -5.23 20.18 -4.37
CA ARG C 300 -4.86 21.48 -3.82
C ARG C 300 -5.34 22.57 -4.76
N PRO C 301 -6.09 23.56 -4.27
CA PRO C 301 -6.68 24.55 -5.18
C PRO C 301 -5.65 25.38 -5.92
N ASP C 302 -4.45 25.55 -5.36
CA ASP C 302 -3.48 26.39 -6.04
C ASP C 302 -2.74 25.62 -7.12
N THR C 303 -2.06 24.54 -6.75
CA THR C 303 -1.22 23.80 -7.69
C THR C 303 -2.00 22.78 -8.51
N LYS C 304 -3.23 22.48 -8.10
CA LYS C 304 -4.01 21.39 -8.70
C LYS C 304 -3.29 20.05 -8.61
N LYS C 305 -2.46 19.87 -7.57
CA LYS C 305 -1.84 18.57 -7.33
C LYS C 305 -2.55 17.83 -6.20
N VAL C 306 -2.47 16.51 -6.25
CA VAL C 306 -2.82 15.66 -5.10
C VAL C 306 -1.53 15.16 -4.46
N HIS C 307 -1.50 15.15 -3.13
CA HIS C 307 -0.34 14.70 -2.37
C HIS C 307 -0.81 13.56 -1.47
N THR C 308 -0.64 12.34 -1.94
CA THR C 308 -1.00 11.20 -1.13
C THR C 308 -0.07 11.08 0.06
N ILE C 309 -0.46 10.25 1.01
CA ILE C 309 0.43 9.81 2.08
C ILE C 309 0.55 8.31 1.97
N PHE C 310 1.77 7.84 1.76
CA PHE C 310 2.06 6.40 1.70
C PHE C 310 2.33 5.91 3.12
N ASN C 311 1.39 5.13 3.66
CA ASN C 311 1.57 4.53 4.97
CA ASN C 311 1.57 4.53 4.96
C ASN C 311 2.54 3.37 4.83
N GLN C 312 3.72 3.52 5.40
CA GLN C 312 4.80 2.56 5.30
C GLN C 312 4.76 1.54 6.43
N ALA C 313 3.92 1.74 7.44
CA ALA C 313 3.97 0.91 8.64
C ALA C 313 2.58 0.43 9.02
N LEU C 314 1.83 -0.04 8.02
CA LEU C 314 0.45 -0.44 8.23
C LEU C 314 0.17 -1.87 7.80
N THR C 315 0.52 -2.26 6.57
CA THR C 315 0.06 -3.55 6.08
C THR C 315 0.81 -4.70 6.75
N GLN C 316 0.13 -5.85 6.82
CA GLN C 316 0.70 -6.99 7.51
C GLN C 316 1.70 -7.75 6.66
N THR C 317 1.83 -7.42 5.39
CA THR C 317 2.71 -8.14 4.47
C THR C 317 3.95 -7.36 4.08
N GLY C 318 4.00 -6.07 4.39
CA GLY C 318 5.11 -5.23 3.96
C GLY C 318 4.81 -4.35 2.77
N ARG C 319 3.61 -4.44 2.21
CA ARG C 319 3.19 -3.47 1.20
C ARG C 319 3.04 -2.09 1.82
N LEU C 320 3.04 -1.09 0.95
CA LEU C 320 2.58 0.23 1.30
C LEU C 320 1.07 0.29 1.20
N SER C 321 0.48 1.31 1.79
CA SER C 321 -0.87 1.71 1.43
C SER C 321 -0.83 3.20 1.15
N SER C 322 -1.93 3.71 0.61
CA SER C 322 -1.97 5.09 0.10
C SER C 322 -3.30 5.72 0.51
N THR C 323 -3.24 6.93 1.08
CA THR C 323 -4.45 7.58 1.60
C THR C 323 -4.54 9.04 1.21
N GLU C 324 -5.78 9.49 1.07
CA GLU C 324 -6.15 10.90 0.98
C GLU C 324 -5.38 11.71 -0.08
N PRO C 325 -5.51 11.35 -1.35
CA PRO C 325 -6.30 10.24 -1.88
C PRO C 325 -5.51 8.94 -1.96
N ASN C 326 -6.24 7.83 -2.04
CA ASN C 326 -5.62 6.57 -2.40
C ASN C 326 -5.29 6.60 -3.90
N LEU C 327 -4.01 6.62 -4.23
CA LEU C 327 -3.60 6.61 -5.62
C LEU C 327 -3.16 5.23 -6.07
N GLN C 328 -3.42 4.21 -5.26
CA GLN C 328 -3.15 2.83 -5.62
C GLN C 328 -4.41 2.09 -6.06
N ASN C 329 -5.55 2.75 -6.15
CA ASN C 329 -6.75 2.07 -6.64
C ASN C 329 -7.52 2.95 -7.62
N ILE C 330 -6.79 3.68 -8.46
CA ILE C 330 -7.44 4.44 -9.54
C ILE C 330 -7.91 3.46 -10.61
N PRO C 331 -9.14 3.64 -11.11
CA PRO C 331 -9.77 2.78 -12.12
C PRO C 331 -8.92 2.48 -13.36
N ILE C 332 -8.90 1.21 -13.76
CA ILE C 332 -8.19 0.77 -14.92
C ILE C 332 -8.82 -0.40 -15.64
N ARG C 333 -9.53 -1.19 -14.91
CA ARG C 333 -10.03 -2.45 -15.48
C ARG C 333 -11.19 -2.32 -16.51
N LEU C 334 -12.27 -1.58 -16.20
CA LEU C 334 -13.22 -1.22 -17.24
C LEU C 334 -12.76 0.07 -17.94
N GLU C 335 -13.09 0.20 -19.22
CA GLU C 335 -12.69 1.38 -19.98
C GLU C 335 -13.34 2.66 -19.44
N GLU C 336 -14.61 2.58 -19.03
CA GLU C 336 -15.27 3.80 -18.56
C GLU C 336 -14.59 4.35 -17.32
N GLY C 337 -14.12 3.49 -16.43
CA GLY C 337 -13.37 3.95 -15.28
C GLY C 337 -11.94 4.33 -15.63
N ARG C 338 -11.33 3.57 -16.54
CA ARG C 338 -9.95 3.84 -16.95
C ARG C 338 -9.77 5.28 -17.43
N LYS C 339 -10.81 5.88 -18.02
CA LYS C 339 -10.71 7.25 -18.50
C LYS C 339 -10.40 8.24 -17.38
N ILE C 340 -10.69 7.90 -16.12
CA ILE C 340 -10.29 8.74 -14.99
C ILE C 340 -8.81 9.08 -15.07
N ARG C 341 -8.00 8.13 -15.56
CA ARG C 341 -6.56 8.34 -15.58
C ARG C 341 -6.12 9.39 -16.58
N GLN C 342 -7.01 9.81 -17.48
CA GLN C 342 -6.70 10.93 -18.37
C GLN C 342 -6.55 12.23 -17.61
N ALA C 343 -7.07 12.28 -16.39
CA ALA C 343 -6.98 13.48 -15.56
C ALA C 343 -5.67 13.56 -14.78
N PHE C 344 -4.84 12.53 -14.83
CA PHE C 344 -3.56 12.54 -14.12
C PHE C 344 -2.48 12.83 -15.16
N VAL C 345 -1.82 13.97 -15.02
CA VAL C 345 -1.02 14.53 -16.10
C VAL C 345 0.35 14.91 -15.54
N PRO C 346 1.34 15.12 -16.41
CA PRO C 346 2.64 15.58 -15.92
C PRO C 346 2.55 16.98 -15.32
N SER C 347 3.45 17.28 -14.39
CA SER C 347 3.38 18.52 -13.63
C SER C 347 4.09 19.68 -14.33
N GLU C 348 4.76 19.43 -15.45
CA GLU C 348 5.48 20.46 -16.18
C GLU C 348 5.23 20.29 -17.66
N SER C 349 5.33 21.41 -18.40
CA SER C 349 5.14 21.35 -19.84
C SER C 349 6.23 20.50 -20.47
N ASP C 350 5.83 19.74 -21.50
CA ASP C 350 6.74 18.91 -22.28
C ASP C 350 7.34 17.78 -21.46
N TRP C 351 6.65 17.40 -20.38
CA TRP C 351 6.97 16.20 -19.63
C TRP C 351 5.95 15.13 -19.97
N LEU C 352 6.28 13.88 -19.63
CA LEU C 352 5.43 12.74 -19.91
C LEU C 352 5.36 11.84 -18.68
N ILE C 353 4.33 10.99 -18.64
CA ILE C 353 4.18 9.98 -17.59
C ILE C 353 4.81 8.68 -18.08
N PHE C 354 5.61 8.04 -17.23
CA PHE C 354 6.29 6.79 -17.56
C PHE C 354 5.93 5.76 -16.49
N ALA C 355 5.42 4.60 -16.91
CA ALA C 355 4.98 3.57 -15.98
C ALA C 355 5.65 2.25 -16.28
N ALA C 356 6.23 1.62 -15.27
CA ALA C 356 6.94 0.36 -15.43
C ALA C 356 6.41 -0.64 -14.43
N ASP C 357 6.08 -1.85 -14.90
CA ASP C 357 5.47 -2.83 -14.00
C ASP C 357 6.16 -4.19 -14.12
N TYR C 358 6.27 -4.89 -12.99
CA TYR C 358 6.75 -6.27 -13.02
C TYR C 358 5.70 -7.17 -13.64
N SER C 359 6.15 -8.10 -14.47
CA SER C 359 5.27 -9.11 -15.05
C SER C 359 5.28 -10.35 -14.16
N GLN C 360 4.12 -10.66 -13.58
CA GLN C 360 3.94 -11.84 -12.72
C GLN C 360 5.00 -11.97 -11.62
N ILE C 361 5.25 -10.89 -10.88
CA ILE C 361 6.30 -10.97 -9.86
C ILE C 361 5.94 -12.00 -8.79
N GLU C 362 4.65 -12.10 -8.42
CA GLU C 362 4.30 -13.02 -7.33
C GLU C 362 4.56 -14.47 -7.72
N LEU C 363 4.19 -14.87 -8.94
CA LEU C 363 4.43 -16.26 -9.33
C LEU C 363 5.90 -16.51 -9.59
N ARG C 364 6.65 -15.49 -10.04
CA ARG C 364 8.10 -15.65 -10.16
C ARG C 364 8.74 -15.82 -8.79
N VAL C 365 8.30 -15.04 -7.80
CA VAL C 365 8.77 -15.24 -6.43
C VAL C 365 8.44 -16.65 -5.95
N LEU C 366 7.22 -17.12 -6.22
CA LEU C 366 6.84 -18.47 -5.82
C LEU C 366 7.76 -19.51 -6.46
N ALA C 367 8.04 -19.36 -7.76
CA ALA C 367 8.94 -20.29 -8.43
C ALA C 367 10.28 -20.33 -7.72
N HIS C 368 10.78 -19.15 -7.33
CA HIS C 368 12.06 -19.06 -6.64
C HIS C 368 12.03 -19.72 -5.27
N ILE C 369 11.04 -19.37 -4.43
CA ILE C 369 11.05 -19.86 -3.05
C ILE C 369 10.70 -21.34 -2.98
N ALA C 370 9.85 -21.81 -3.88
CA ALA C 370 9.50 -23.23 -3.89
C ALA C 370 10.53 -24.08 -4.64
N GLU C 371 11.36 -23.46 -5.48
CA GLU C 371 12.29 -24.18 -6.35
C GLU C 371 11.57 -25.27 -7.11
N ASP C 372 10.41 -24.90 -7.66
CA ASP C 372 9.61 -25.84 -8.43
C ASP C 372 10.16 -25.91 -9.84
N ASP C 373 10.62 -27.09 -10.24
CA ASP C 373 11.29 -27.25 -11.53
C ASP C 373 10.41 -26.78 -12.69
N ASN C 374 9.15 -27.24 -12.71
CA ASN C 374 8.25 -26.90 -13.80
C ASN C 374 7.94 -25.42 -13.83
N LEU C 375 7.68 -24.81 -12.66
CA LEU C 375 7.37 -23.38 -12.66
C LEU C 375 8.59 -22.54 -13.01
N MET C 376 9.77 -22.93 -12.52
CA MET C 376 10.98 -22.20 -12.88
C MET C 376 11.22 -22.27 -14.38
N GLU C 377 11.05 -23.46 -14.97
CA GLU C 377 11.28 -23.59 -16.40
C GLU C 377 10.27 -22.78 -17.20
N ALA C 378 9.02 -22.73 -16.74
CA ALA C 378 8.01 -21.92 -17.44
C ALA C 378 8.43 -20.45 -17.51
N PHE C 379 8.96 -19.90 -16.42
CA PHE C 379 9.40 -18.52 -16.47
C PHE C 379 10.73 -18.37 -17.20
N ARG C 380 11.58 -19.39 -17.15
CA ARG C 380 12.83 -19.28 -17.93
C ARG C 380 12.54 -19.28 -19.42
N ARG C 381 11.42 -19.88 -19.84
CA ARG C 381 10.94 -19.82 -21.22
C ARG C 381 10.07 -18.60 -21.49
N ASP C 382 9.87 -17.74 -20.50
CA ASP C 382 8.96 -16.60 -20.57
C ASP C 382 7.61 -16.97 -21.17
N LEU C 383 7.05 -18.07 -20.68
CA LEU C 383 5.75 -18.51 -21.14
C LEU C 383 4.63 -17.64 -20.60
N ASP C 384 3.50 -17.65 -21.29
CA ASP C 384 2.26 -17.13 -20.71
C ASP C 384 1.87 -18.13 -19.61
N ILE C 385 1.97 -17.67 -18.37
CA ILE C 385 1.92 -18.62 -17.26
C ILE C 385 0.53 -19.20 -17.12
N HIS C 386 -0.51 -18.45 -17.46
CA HIS C 386 -1.85 -19.01 -17.31
C HIS C 386 -2.16 -20.02 -18.41
N THR C 387 -1.68 -19.78 -19.63
CA THR C 387 -1.82 -20.79 -20.68
C THR C 387 -1.03 -22.05 -20.33
N LYS C 388 0.19 -21.89 -19.80
CA LYS C 388 0.99 -23.05 -19.43
C LYS C 388 0.33 -23.82 -18.30
N THR C 389 -0.21 -23.12 -17.31
CA THR C 389 -0.90 -23.79 -16.20
C THR C 389 -2.10 -24.56 -16.70
N ALA C 390 -2.86 -23.98 -17.64
CA ALA C 390 -3.97 -24.69 -18.26
C ALA C 390 -3.50 -25.94 -18.99
N MET C 391 -2.41 -25.82 -19.77
CA MET C 391 -1.89 -26.97 -20.49
C MET C 391 -1.57 -28.09 -19.52
N ASP C 392 -0.96 -27.76 -18.38
CA ASP C 392 -0.55 -28.77 -17.42
C ASP C 392 -1.74 -29.36 -16.67
N ILE C 393 -2.61 -28.51 -16.13
CA ILE C 393 -3.68 -29.08 -15.29
C ILE C 393 -4.77 -29.75 -16.13
N PHE C 394 -5.00 -29.33 -17.37
CA PHE C 394 -6.03 -29.96 -18.18
C PHE C 394 -5.44 -30.94 -19.20
N GLN C 395 -4.12 -31.11 -19.21
CA GLN C 395 -3.42 -32.10 -20.04
C GLN C 395 -3.77 -31.93 -21.52
N VAL C 396 -3.49 -30.73 -22.04
CA VAL C 396 -3.73 -30.42 -23.44
C VAL C 396 -2.52 -29.67 -23.98
N SER C 397 -2.40 -29.66 -25.31
CA SER C 397 -1.39 -28.88 -25.99
C SER C 397 -1.78 -27.40 -26.00
N GLU C 398 -0.80 -26.54 -26.28
CA GLU C 398 -1.07 -25.11 -26.28
C GLU C 398 -2.20 -24.76 -27.23
N ASP C 399 -2.24 -25.40 -28.40
CA ASP C 399 -3.28 -25.17 -29.40
C ASP C 399 -4.67 -25.57 -28.91
N GLU C 400 -4.75 -26.43 -27.91
CA GLU C 400 -6.02 -26.93 -27.39
C GLU C 400 -6.49 -26.17 -26.16
N VAL C 401 -5.75 -25.16 -25.70
CA VAL C 401 -6.21 -24.36 -24.57
C VAL C 401 -7.27 -23.39 -25.08
N THR C 402 -8.48 -23.52 -24.57
CA THR C 402 -9.54 -22.60 -24.91
C THR C 402 -9.52 -21.40 -23.98
N PRO C 403 -10.18 -20.30 -24.35
CA PRO C 403 -10.24 -19.16 -23.43
C PRO C 403 -10.79 -19.51 -22.07
N ASN C 404 -11.83 -20.35 -22.00
CA ASN C 404 -12.37 -20.70 -20.69
C ASN C 404 -11.35 -21.47 -19.87
N MET C 405 -10.59 -22.36 -20.51
CA MET C 405 -9.54 -23.09 -19.79
C MET C 405 -8.49 -22.14 -19.23
N ARG C 406 -8.03 -21.17 -20.04
CA ARG C 406 -7.04 -20.22 -19.53
C ARG C 406 -7.59 -19.43 -18.35
N ARG C 407 -8.86 -19.01 -18.44
CA ARG C 407 -9.50 -18.26 -17.37
C ARG C 407 -9.50 -19.08 -16.07
N GLN C 408 -9.88 -20.36 -16.16
CA GLN C 408 -9.94 -21.15 -14.94
C GLN C 408 -8.55 -21.46 -14.40
N ALA C 409 -7.57 -21.70 -15.28
CA ALA C 409 -6.20 -21.88 -14.81
C ALA C 409 -5.68 -20.63 -14.12
N LYS C 410 -6.03 -19.46 -14.66
CA LYS C 410 -5.65 -18.19 -14.02
C LYS C 410 -6.23 -18.11 -12.62
N ALA C 411 -7.48 -18.52 -12.45
CA ALA C 411 -8.08 -18.50 -11.12
C ALA C 411 -7.37 -19.47 -10.18
N VAL C 412 -6.95 -20.64 -10.70
CA VAL C 412 -6.15 -21.54 -9.89
C VAL C 412 -4.87 -20.84 -9.45
N ASN C 413 -4.21 -20.13 -10.37
CA ASN C 413 -2.96 -19.45 -10.01
C ASN C 413 -3.20 -18.39 -8.94
N PHE C 414 -4.31 -17.64 -9.04
CA PHE C 414 -4.65 -16.69 -7.96
C PHE C 414 -4.80 -17.41 -6.63
N GLY C 415 -5.54 -18.53 -6.62
CA GLY C 415 -5.74 -19.26 -5.38
C GLY C 415 -4.44 -19.77 -4.79
N ILE C 416 -3.53 -20.23 -5.64
CA ILE C 416 -2.23 -20.71 -5.15
C ILE C 416 -1.48 -19.60 -4.43
N VAL C 417 -1.52 -18.38 -4.97
CA VAL C 417 -0.82 -17.25 -4.33
C VAL C 417 -1.55 -16.81 -3.07
N TYR C 418 -2.88 -16.85 -3.07
CA TYR C 418 -3.65 -16.41 -1.91
C TYR C 418 -3.65 -17.42 -0.77
N GLY C 419 -3.30 -18.67 -1.04
CA GLY C 419 -3.49 -19.72 -0.05
C GLY C 419 -4.64 -20.60 -0.47
N ILE C 420 -4.33 -21.70 -1.14
CA ILE C 420 -5.33 -22.44 -1.91
C ILE C 420 -6.23 -23.23 -0.98
N SER C 421 -7.51 -23.32 -1.35
CA SER C 421 -8.48 -24.14 -0.65
C SER C 421 -9.55 -24.53 -1.66
N ASP C 422 -10.13 -25.72 -1.49
CA ASP C 422 -11.20 -26.10 -2.42
C ASP C 422 -12.40 -25.19 -2.27
N TYR C 423 -12.74 -24.79 -1.04
CA TYR C 423 -13.86 -23.88 -0.85
C TYR C 423 -13.63 -22.53 -1.52
N GLY C 424 -12.45 -21.93 -1.34
CA GLY C 424 -12.20 -20.62 -1.89
C GLY C 424 -12.15 -20.63 -3.42
N LEU C 425 -11.57 -21.68 -4.01
CA LEU C 425 -11.55 -21.78 -5.46
C LEU C 425 -12.95 -22.05 -6.01
N ALA C 426 -13.71 -22.90 -5.33
CA ALA C 426 -15.07 -23.20 -5.75
C ALA C 426 -15.94 -21.95 -5.71
N GLN C 427 -15.78 -21.13 -4.67
CA GLN C 427 -16.54 -19.89 -4.60
C GLN C 427 -16.15 -18.94 -5.71
N ASN C 428 -14.86 -18.86 -6.02
CA ASN C 428 -14.40 -17.93 -7.04
C ASN C 428 -14.88 -18.32 -8.43
N LEU C 429 -14.82 -19.62 -8.75
CA LEU C 429 -15.15 -20.08 -10.09
C LEU C 429 -16.61 -20.48 -10.23
N ASN C 430 -17.39 -20.38 -9.15
CA ASN C 430 -18.79 -20.81 -9.16
C ASN C 430 -18.91 -22.27 -9.58
N ILE C 431 -18.15 -23.13 -8.90
CA ILE C 431 -18.16 -24.57 -9.14
C ILE C 431 -18.27 -25.28 -7.79
N SER C 432 -18.35 -26.61 -7.83
CA SER C 432 -18.48 -27.36 -6.59
C SER C 432 -17.12 -27.54 -5.92
N ARG C 433 -17.16 -27.80 -4.60
CA ARG C 433 -15.91 -28.04 -3.89
C ARG C 433 -15.16 -29.24 -4.47
N LYS C 434 -15.88 -30.31 -4.83
CA LYS C 434 -15.23 -31.47 -5.43
C LYS C 434 -14.55 -31.11 -6.75
N GLU C 435 -15.23 -30.34 -7.61
CA GLU C 435 -14.62 -29.92 -8.86
C GLU C 435 -13.38 -29.07 -8.61
N ALA C 436 -13.44 -28.15 -7.65
CA ALA C 436 -12.28 -27.32 -7.34
C ALA C 436 -11.13 -28.17 -6.80
N ALA C 437 -11.45 -29.15 -5.95
CA ALA C 437 -10.42 -30.03 -5.41
C ALA C 437 -9.71 -30.78 -6.52
N GLU C 438 -10.45 -31.17 -7.56
CA GLU C 438 -9.82 -31.85 -8.69
C GLU C 438 -8.84 -30.94 -9.41
N PHE C 439 -9.22 -29.67 -9.63
CA PHE C 439 -8.29 -28.71 -10.22
C PHE C 439 -7.02 -28.58 -9.38
N ILE C 440 -7.19 -28.53 -8.05
CA ILE C 440 -6.04 -28.31 -7.17
C ILE C 440 -5.13 -29.52 -7.17
N GLU C 441 -5.71 -30.73 -7.13
CA GLU C 441 -4.91 -31.94 -7.21
C GLU C 441 -4.13 -31.99 -8.52
N ARG C 442 -4.77 -31.62 -9.63
CA ARG C 442 -4.06 -31.58 -10.91
C ARG C 442 -2.94 -30.54 -10.89
N TYR C 443 -3.19 -29.37 -10.27
CA TYR C 443 -2.14 -28.38 -10.17
C TYR C 443 -0.93 -28.95 -9.44
N PHE C 444 -1.15 -29.56 -8.29
CA PHE C 444 -0.02 -30.04 -7.50
C PHE C 444 0.68 -31.24 -8.13
N GLU C 445 -0.01 -31.99 -9.00
CA GLU C 445 0.66 -33.02 -9.79
C GLU C 445 1.64 -32.40 -10.77
N SER C 446 1.26 -31.24 -11.34
CA SER C 446 2.13 -30.57 -12.29
C SER C 446 3.18 -29.70 -11.63
N PHE C 447 2.94 -29.25 -10.41
CA PHE C 447 3.85 -28.37 -9.69
C PHE C 447 4.10 -28.96 -8.31
N PRO C 448 4.79 -30.10 -8.25
CA PRO C 448 4.99 -30.75 -6.95
C PRO C 448 5.89 -29.97 -6.01
N GLY C 449 6.78 -29.13 -6.54
CA GLY C 449 7.59 -28.30 -5.67
C GLY C 449 6.76 -27.25 -4.96
N VAL C 450 5.79 -26.67 -5.67
CA VAL C 450 4.86 -25.75 -5.02
C VAL C 450 4.09 -26.46 -3.92
N LYS C 451 3.63 -27.70 -4.18
CA LYS C 451 2.93 -28.46 -3.14
C LYS C 451 3.80 -28.66 -1.92
N ARG C 452 5.04 -29.10 -2.11
CA ARG C 452 5.94 -29.30 -0.99
C ARG C 452 6.19 -27.99 -0.25
N TYR C 453 6.34 -26.89 -1.00
CA TYR C 453 6.56 -25.61 -0.37
C TYR C 453 5.39 -25.21 0.51
N MET C 454 4.16 -25.39 0.01
CA MET C 454 2.98 -24.99 0.77
C MET C 454 2.83 -25.83 2.04
N GLU C 455 3.07 -27.14 1.95
CA GLU C 455 3.06 -27.97 3.13
C GLU C 455 4.12 -27.50 4.12
N ASN C 456 5.32 -27.23 3.62
CA ASN C 456 6.43 -26.92 4.51
C ASN C 456 6.28 -25.55 5.14
N ILE C 457 5.71 -24.58 4.42
CA ILE C 457 5.64 -23.25 5.01
C ILE C 457 4.60 -23.21 6.12
N VAL C 458 3.52 -23.98 6.00
CA VAL C 458 2.56 -24.07 7.09
C VAL C 458 3.19 -24.76 8.30
N GLN C 459 3.97 -25.82 8.07
CA GLN C 459 4.66 -26.46 9.19
C GLN C 459 5.68 -25.53 9.82
N GLU C 460 6.38 -24.72 9.02
CA GLU C 460 7.35 -23.79 9.55
C GLU C 460 6.68 -22.70 10.38
N ALA C 461 5.52 -22.21 9.92
CA ALA C 461 4.79 -21.21 10.69
C ALA C 461 4.39 -21.76 12.05
N LYS C 462 4.00 -23.04 12.10
CA LYS C 462 3.68 -23.65 13.38
C LYS C 462 4.93 -23.77 14.25
N GLN C 463 6.04 -24.22 13.67
CA GLN C 463 7.24 -24.49 14.45
C GLN C 463 7.86 -23.21 15.00
N LYS C 464 8.05 -22.21 14.14
CA LYS C 464 8.72 -20.98 14.55
C LYS C 464 7.76 -19.96 15.12
N GLY C 465 6.49 -20.00 14.73
CA GLY C 465 5.51 -19.01 15.15
C GLY C 465 5.30 -17.88 14.17
N TYR C 466 6.05 -17.85 13.07
CA TYR C 466 5.98 -16.75 12.11
C TYR C 466 6.50 -17.25 10.77
N VAL C 467 6.25 -16.47 9.73
CA VAL C 467 6.83 -16.69 8.41
C VAL C 467 7.62 -15.44 8.04
N THR C 468 8.50 -15.60 7.05
CA THR C 468 9.42 -14.52 6.68
C THR C 468 9.39 -14.29 5.18
N THR C 469 9.91 -13.15 4.78
CA THR C 469 10.07 -12.81 3.38
C THR C 469 11.55 -12.89 2.98
N LEU C 470 11.80 -12.66 1.68
CA LEU C 470 13.17 -12.72 1.15
C LEU C 470 14.14 -11.83 1.92
N LEU C 471 13.72 -10.62 2.27
CA LEU C 471 14.59 -9.68 2.96
C LEU C 471 14.34 -9.65 4.47
N HIS C 472 13.74 -10.72 5.03
CA HIS C 472 13.65 -11.00 6.46
C HIS C 472 12.54 -10.23 7.16
N ARG C 473 11.54 -9.74 6.44
CA ARG C 473 10.32 -9.27 7.07
C ARG C 473 9.63 -10.46 7.72
N ARG C 474 8.88 -10.21 8.79
CA ARG C 474 8.30 -11.28 9.59
C ARG C 474 6.81 -11.01 9.81
N ARG C 475 6.00 -12.07 9.89
CA ARG C 475 4.61 -11.96 10.30
C ARG C 475 4.32 -13.11 11.25
N TYR C 476 3.95 -12.81 12.49
CA TYR C 476 3.58 -13.85 13.44
C TYR C 476 2.20 -14.39 13.13
N LEU C 477 2.03 -15.71 13.29
CA LEU C 477 0.77 -16.37 12.96
C LEU C 477 0.35 -17.29 14.10
N PRO C 478 -0.01 -16.73 15.24
CA PRO C 478 -0.40 -17.57 16.38
C PRO C 478 -1.63 -18.40 16.13
N ASP C 479 -2.52 -17.98 15.21
CA ASP C 479 -3.74 -18.75 14.96
C ASP C 479 -3.48 -20.04 14.19
N ILE C 480 -2.24 -20.30 13.79
CA ILE C 480 -1.92 -21.53 13.09
C ILE C 480 -2.18 -22.77 13.96
N THR C 481 -2.21 -22.61 15.28
CA THR C 481 -2.47 -23.75 16.16
C THR C 481 -3.89 -23.77 16.71
N SER C 482 -4.80 -22.98 16.15
CA SER C 482 -6.17 -22.93 16.65
C SER C 482 -6.91 -24.24 16.38
N ARG C 483 -7.80 -24.59 17.32
CA ARG C 483 -8.68 -25.72 17.08
C ARG C 483 -9.99 -25.30 16.43
N ASN C 484 -10.12 -24.03 16.07
CA ASN C 484 -11.24 -23.55 15.27
C ASN C 484 -10.84 -23.63 13.80
N PHE C 485 -11.65 -24.30 13.00
CA PHE C 485 -11.30 -24.56 11.61
C PHE C 485 -11.15 -23.27 10.81
N ASN C 486 -12.11 -22.36 10.95
CA ASN C 486 -12.04 -21.09 10.22
C ASN C 486 -10.82 -20.29 10.64
N VAL C 487 -10.57 -20.21 11.95
CA VAL C 487 -9.46 -19.41 12.45
C VAL C 487 -8.13 -20.00 11.99
N ARG C 488 -7.98 -21.31 12.11
CA ARG C 488 -6.73 -21.95 11.70
C ARG C 488 -6.53 -21.82 10.19
N SER C 489 -7.61 -21.97 9.42
CA SER C 489 -7.50 -21.90 7.97
C SER C 489 -7.06 -20.51 7.52
N PHE C 490 -7.58 -19.45 8.17
CA PHE C 490 -7.09 -18.10 7.88
C PHE C 490 -5.59 -18.03 8.03
N ALA C 491 -5.07 -18.55 9.15
CA ALA C 491 -3.64 -18.47 9.40
C ALA C 491 -2.86 -19.30 8.39
N GLU C 492 -3.39 -20.45 7.97
CA GLU C 492 -2.71 -21.25 6.96
C GLU C 492 -2.62 -20.51 5.63
N ARG C 493 -3.70 -19.84 5.22
CA ARG C 493 -3.63 -19.06 3.98
C ARG C 493 -2.64 -17.92 4.12
N MET C 494 -2.57 -17.29 5.30
CA MET C 494 -1.59 -16.22 5.49
C MET C 494 -0.17 -16.76 5.43
N ALA C 495 0.05 -17.98 5.94
CA ALA C 495 1.39 -18.55 5.89
C ALA C 495 1.81 -18.78 4.44
N MET C 496 0.86 -19.19 3.60
CA MET C 496 1.15 -19.42 2.20
C MET C 496 1.32 -18.11 1.44
N ASN C 497 0.50 -17.10 1.74
CA ASN C 497 0.49 -15.88 0.95
C ASN C 497 1.54 -14.86 1.37
N THR C 498 1.75 -14.67 2.68
CA THR C 498 2.57 -13.55 3.13
C THR C 498 4.01 -13.61 2.60
N PRO C 499 4.70 -14.76 2.54
CA PRO C 499 6.04 -14.74 1.97
C PRO C 499 6.06 -14.36 0.50
N ILE C 500 4.97 -14.61 -0.20
CA ILE C 500 4.91 -14.27 -1.63
C ILE C 500 4.64 -12.78 -1.81
N GLN C 501 3.50 -12.31 -1.29
CA GLN C 501 3.16 -10.89 -1.40
C GLN C 501 4.23 -10.03 -0.73
N GLY C 502 4.74 -10.48 0.41
CA GLY C 502 5.72 -9.69 1.15
C GLY C 502 7.08 -9.67 0.47
N SER C 503 7.50 -10.79 -0.13
CA SER C 503 8.76 -10.78 -0.86
C SER C 503 8.66 -9.88 -2.08
N ALA C 504 7.51 -9.90 -2.76
CA ALA C 504 7.32 -8.99 -3.90
C ALA C 504 7.40 -7.54 -3.44
N ALA C 505 6.89 -7.26 -2.23
CA ALA C 505 7.00 -5.92 -1.67
C ALA C 505 8.44 -5.55 -1.39
N ASP C 506 9.21 -6.48 -0.82
CA ASP C 506 10.63 -6.25 -0.57
C ASP C 506 11.35 -5.88 -1.86
N ILE C 507 11.06 -6.61 -2.94
CA ILE C 507 11.79 -6.42 -4.18
C ILE C 507 11.54 -5.05 -4.76
N ILE C 508 10.27 -4.61 -4.79
CA ILE C 508 10.01 -3.32 -5.42
C ILE C 508 10.51 -2.18 -4.53
N LYS C 509 10.52 -2.37 -3.21
CA LYS C 509 11.11 -1.35 -2.34
C LYS C 509 12.61 -1.22 -2.62
N LYS C 510 13.32 -2.33 -2.76
CA LYS C 510 14.72 -2.24 -3.11
C LYS C 510 14.90 -1.61 -4.48
N ALA C 511 14.01 -1.93 -5.43
CA ALA C 511 14.10 -1.31 -6.75
C ALA C 511 13.94 0.20 -6.66
N MET C 512 13.06 0.68 -5.77
CA MET C 512 12.88 2.12 -5.63
C MET C 512 14.15 2.81 -5.12
N ILE C 513 14.80 2.19 -4.14
CA ILE C 513 16.07 2.71 -3.62
C ILE C 513 17.12 2.72 -4.72
N ASP C 514 17.26 1.60 -5.43
CA ASP C 514 18.24 1.53 -6.51
C ASP C 514 17.92 2.54 -7.61
N LEU C 515 16.65 2.69 -7.96
CA LEU C 515 16.28 3.61 -9.03
C LEU C 515 16.58 5.06 -8.64
N ASN C 516 16.24 5.46 -7.42
CA ASN C 516 16.52 6.83 -7.03
C ASN C 516 18.01 7.12 -7.08
N ALA C 517 18.84 6.15 -6.70
CA ALA C 517 20.29 6.35 -6.75
C ALA C 517 20.76 6.49 -8.20
N ARG C 518 20.22 5.67 -9.09
CA ARG C 518 20.61 5.75 -10.50
C ARG C 518 20.15 7.05 -11.14
N LEU C 519 18.94 7.51 -10.82
CA LEU C 519 18.47 8.78 -11.36
C LEU C 519 19.39 9.93 -10.93
N LYS C 520 19.86 9.89 -9.69
CA LYS C 520 20.78 10.92 -9.21
C LYS C 520 22.13 10.83 -9.92
N GLU C 521 22.66 9.61 -10.07
CA GLU C 521 23.95 9.43 -10.76
C GLU C 521 23.87 9.96 -12.18
N GLU C 522 22.76 9.70 -12.86
CA GLU C 522 22.60 10.13 -14.24
C GLU C 522 22.17 11.59 -14.36
N ARG C 523 21.93 12.27 -13.24
CA ARG C 523 21.44 13.65 -13.21
C ARG C 523 20.21 13.82 -14.09
N LEU C 524 19.32 12.84 -14.04
CA LEU C 524 18.06 12.95 -14.73
C LEU C 524 17.08 13.78 -13.91
N GLN C 525 16.19 14.49 -14.61
CA GLN C 525 15.15 15.24 -13.95
C GLN C 525 13.95 14.38 -13.58
N ALA C 526 13.85 13.19 -14.20
CA ALA C 526 12.76 12.26 -13.91
C ALA C 526 12.56 12.09 -12.41
N ARG C 527 11.32 11.98 -12.01
CA ARG C 527 11.06 11.70 -10.63
C ARG C 527 9.99 10.67 -10.39
N LEU C 528 10.19 9.84 -9.38
CA LEU C 528 9.16 8.92 -8.95
C LEU C 528 7.98 9.69 -8.40
N LEU C 529 6.78 9.28 -8.80
CA LEU C 529 5.55 9.85 -8.26
C LEU C 529 4.78 8.86 -7.43
N LEU C 530 4.64 7.62 -7.91
CA LEU C 530 3.77 6.66 -7.26
C LEU C 530 4.38 5.27 -7.33
N GLN C 531 4.01 4.45 -6.35
CA GLN C 531 4.22 3.01 -6.40
C GLN C 531 2.84 2.37 -6.26
N VAL C 532 2.55 1.39 -7.10
CA VAL C 532 1.28 0.65 -7.00
C VAL C 532 1.58 -0.84 -6.94
N HIS C 533 2.22 -1.23 -5.85
CA HIS C 533 2.50 -2.61 -5.51
C HIS C 533 3.55 -3.35 -6.35
N ASP C 534 3.30 -3.43 -7.64
CA ASP C 534 4.26 -4.03 -8.54
C ASP C 534 4.61 -3.09 -9.69
N GLU C 535 4.30 -1.80 -9.55
CA GLU C 535 4.62 -0.88 -10.62
C GLU C 535 5.09 0.45 -10.02
N LEU C 536 5.89 1.16 -10.82
CA LEU C 536 6.43 2.46 -10.47
C LEU C 536 6.00 3.45 -11.55
N ILE C 537 5.54 4.62 -11.12
CA ILE C 537 5.04 5.65 -12.02
C ILE C 537 5.94 6.87 -11.82
N LEU C 538 6.50 7.36 -12.92
CA LEU C 538 7.39 8.52 -12.92
C LEU C 538 6.84 9.59 -13.86
N GLU C 539 7.35 10.80 -13.72
CA GLU C 539 7.20 11.80 -14.77
C GLU C 539 8.58 12.32 -15.11
N ALA C 540 8.79 12.68 -16.37
CA ALA C 540 10.10 13.14 -16.80
C ALA C 540 9.95 13.99 -18.03
N PRO C 541 10.94 14.83 -18.34
CA PRO C 541 10.96 15.51 -19.63
C PRO C 541 10.84 14.52 -20.78
N LYS C 542 10.16 14.94 -21.84
CA LYS C 542 10.04 14.06 -23.00
C LYS C 542 11.42 13.63 -23.51
N GLU C 543 12.42 14.49 -23.36
CA GLU C 543 13.79 14.19 -23.80
C GLU C 543 14.49 13.15 -22.93
N GLU C 544 13.89 12.68 -21.84
CA GLU C 544 14.47 11.61 -21.04
C GLU C 544 13.79 10.26 -21.25
N MET C 545 12.76 10.19 -22.11
CA MET C 545 12.01 8.95 -22.24
C MET C 545 12.91 7.82 -22.75
N GLU C 546 13.72 8.08 -23.78
CA GLU C 546 14.53 7.00 -24.33
C GLU C 546 15.46 6.43 -23.26
N ARG C 547 16.11 7.30 -22.49
CA ARG C 547 16.96 6.80 -21.41
C ARG C 547 16.16 6.03 -20.36
N LEU C 548 14.95 6.50 -20.03
CA LEU C 548 14.18 5.78 -19.02
C LEU C 548 13.72 4.41 -19.51
N CYS C 549 13.44 4.28 -20.82
CA CYS C 549 13.05 2.99 -21.38
C CYS C 549 14.10 1.93 -21.15
N ARG C 550 15.37 2.31 -21.11
CA ARG C 550 16.42 1.35 -20.81
C ARG C 550 16.71 1.27 -19.33
N LEU C 551 16.75 2.40 -18.63
CA LEU C 551 17.21 2.43 -17.26
C LEU C 551 16.20 1.80 -16.29
N VAL C 552 14.94 2.22 -16.37
CA VAL C 552 13.99 1.84 -15.32
C VAL C 552 13.74 0.32 -15.33
N PRO C 553 13.47 -0.31 -16.47
CA PRO C 553 13.32 -1.77 -16.44
C PRO C 553 14.56 -2.49 -15.96
N GLU C 554 15.76 -2.06 -16.38
CA GLU C 554 16.99 -2.72 -15.93
C GLU C 554 17.14 -2.65 -14.41
N VAL C 555 16.91 -1.47 -13.84
CA VAL C 555 17.05 -1.31 -12.38
C VAL C 555 16.04 -2.18 -11.66
N MET C 556 14.79 -2.19 -12.13
CA MET C 556 13.77 -3.01 -11.49
C MET C 556 14.08 -4.50 -11.64
N GLU C 557 14.55 -4.91 -12.82
CA GLU C 557 14.84 -6.33 -13.05
C GLU C 557 16.02 -6.81 -12.23
N GLN C 558 16.98 -5.93 -11.94
CA GLN C 558 18.21 -6.30 -11.27
C GLN C 558 18.17 -6.07 -9.76
N ALA C 559 17.01 -5.67 -9.21
CA ALA C 559 16.96 -5.29 -7.80
C ALA C 559 17.34 -6.46 -6.90
N VAL C 560 16.92 -7.67 -7.26
CA VAL C 560 17.34 -8.88 -6.57
C VAL C 560 17.69 -9.90 -7.65
N THR C 561 18.40 -10.95 -7.24
CA THR C 561 18.71 -12.05 -8.16
C THR C 561 17.95 -13.27 -7.67
N LEU C 562 17.02 -13.74 -8.49
CA LEU C 562 16.25 -14.93 -8.20
C LEU C 562 16.68 -16.07 -9.12
N ARG C 563 16.12 -17.25 -8.83
CA ARG C 563 16.35 -18.43 -9.68
C ARG C 563 15.62 -18.34 -11.01
N VAL C 564 14.75 -17.36 -11.18
CA VAL C 564 14.13 -17.07 -12.48
C VAL C 564 14.39 -15.61 -12.79
N PRO C 565 14.29 -15.22 -14.05
CA PRO C 565 14.42 -13.79 -14.38
C PRO C 565 13.28 -13.00 -13.77
N LEU C 566 13.53 -11.72 -13.53
CA LEU C 566 12.46 -10.77 -13.36
C LEU C 566 12.25 -10.08 -14.70
N LYS C 567 11.01 -9.75 -15.00
CA LYS C 567 10.64 -9.12 -16.26
C LYS C 567 9.80 -7.89 -15.99
N VAL C 568 10.16 -6.77 -16.63
CA VAL C 568 9.47 -5.50 -16.41
C VAL C 568 8.99 -4.96 -17.75
N ASP C 569 7.71 -4.64 -17.83
CA ASP C 569 7.11 -3.97 -18.98
C ASP C 569 6.99 -2.48 -18.69
N TYR C 570 6.88 -1.69 -19.74
CA TYR C 570 6.86 -0.24 -19.52
C TYR C 570 6.14 0.46 -20.66
N HIS C 571 5.55 1.62 -20.34
CA HIS C 571 4.84 2.43 -21.30
C HIS C 571 4.95 3.88 -20.87
N TYR C 572 4.76 4.80 -21.83
CA TYR C 572 4.75 6.21 -21.47
C TYR C 572 3.77 6.96 -22.37
N GLY C 573 3.35 8.13 -21.90
CA GLY C 573 2.44 8.94 -22.69
C GLY C 573 2.11 10.25 -22.01
N SER C 574 1.17 10.98 -22.61
CA SER C 574 0.86 12.34 -22.20
C SER C 574 0.07 12.40 -20.90
N THR C 575 -0.63 11.32 -20.56
CA THR C 575 -1.38 11.21 -19.30
C THR C 575 -1.13 9.83 -18.74
N TRP C 576 -1.59 9.61 -17.51
CA TRP C 576 -1.46 8.29 -16.93
C TRP C 576 -2.23 7.25 -17.76
N TYR C 577 -3.40 7.64 -18.29
CA TYR C 577 -4.17 6.77 -19.18
C TYR C 577 -3.33 6.30 -20.36
N ASP C 578 -2.58 7.21 -20.95
CA ASP C 578 -1.83 6.94 -22.18
C ASP C 578 -0.55 6.17 -21.94
N ALA C 579 -0.12 6.04 -20.69
CA ALA C 579 1.06 5.26 -20.35
C ALA C 579 0.66 3.78 -20.28
N LYS C 580 0.22 3.28 -21.45
CA LYS C 580 -0.33 1.95 -21.63
C LYS C 580 0.12 1.37 -22.97
C1 MPD D . 10.28 10.98 31.31
C2 MPD D . 10.68 12.35 31.84
O2 MPD D . 11.17 12.20 33.17
CM MPD D . 11.79 12.95 30.98
C3 MPD D . 9.48 13.27 31.87
C4 MPD D . 9.92 14.74 31.92
O4 MPD D . 8.89 15.56 31.35
C5 MPD D . 10.18 15.18 33.35
S SO4 E . -3.63 -11.79 -18.25
O1 SO4 E . -3.63 -11.16 -19.56
O2 SO4 E . -3.69 -10.78 -17.21
O3 SO4 E . -4.79 -12.67 -18.16
O4 SO4 E . -2.40 -12.56 -18.10
S SO4 F . -20.82 -27.87 -3.23
O1 SO4 F . -19.44 -27.41 -3.04
O2 SO4 F . -21.57 -27.71 -1.98
O3 SO4 F . -21.46 -27.08 -4.27
O4 SO4 F . -20.79 -29.29 -3.59
MG MG G . 1.77 -6.26 -13.73
#